data_7P2S
#
_entry.id   7P2S
#
_cell.length_a   70.832
_cell.length_b   70.832
_cell.length_c   179.968
_cell.angle_alpha   90.000
_cell.angle_beta   90.000
_cell.angle_gamma   90.000
#
_symmetry.space_group_name_H-M   'P 41 21 2'
#
loop_
_entity.id
_entity.type
_entity.pdbx_description
1 polymer 'Histone deacetylase 8'
2 non-polymer 'ZINC ION'
3 non-polymer 'POTASSIUM ION'
4 non-polymer 5-[[(2R)-7-fluoranyl-2-phenyl-2,3-dihydrothieno[3,2-b]indol-4-yl]methyl]-N-oxidanyl-thiophene-2-carboxamide
5 water water
#
_entity_poly.entity_id   1
_entity_poly.type   'polypeptide(L)'
_entity_poly.pdbx_seq_one_letter_code
;MSVGIVYGDQYRQLCCSSPKFGDRYALVMDLINAYKLIPELSRVPPLQWDSPSRMYEAVTAFHSTEYVDALKKLQMLHCE
EKELTADDELLMDSFSLNYDCPGFPSVFDYSLAAVQGSLAAASALICRHCEVVINWGGGWHHAKRSEASGFCYLNDIVLA
IHRLVSSTPPETSPNRQTRVLYVDLDLHHGDGVEEAFWYSPRVVTFSVHHASPGFFPGTGTWNMVDNDKLPIFLNGAGRG
RFSAFNLPLEEGINDLDWSNAIGPILDSLNIVIQPSYVVVQCGADCLATDPHRIFRLTNFYPNLNLDSDCDSECSLSGYL
YAIKKILSWKVPTLILGGGGYNFPDTARLWTRVTALTIEEVKGKKMTISPEIPEHSYFSRYGPDFELDIDYFPHKSHNKT
LDSIQKHHRRILEQLRNYADLNKLIYDYDQVYQLYNLTGM
;
_entity_poly.pdbx_strand_id   A
#
loop_
_chem_comp.id
_chem_comp.type
_chem_comp.name
_chem_comp.formula
4UI non-polymer 5-[[(2R)-7-fluoranyl-2-phenyl-2,3-dihydrothieno[3,2-b]indol-4-yl]methyl]-N-oxidanyl-thiophene-2-carboxamide 'C22 H17 F N2 O2 S2'
K non-polymer 'POTASSIUM ION' 'K 1'
ZN non-polymer 'ZINC ION' 'Zn 2'
#
# COMPACT_ATOMS: atom_id res chain seq x y z
N MET A 1 -3.83 14.11 16.93
CA MET A 1 -2.71 13.36 17.61
C MET A 1 -1.44 13.48 16.75
N SER A 2 -0.41 12.70 17.08
CA SER A 2 0.89 12.68 16.38
C SER A 2 0.73 12.01 15.01
N VAL A 3 1.51 12.47 14.02
CA VAL A 3 1.68 11.78 12.71
C VAL A 3 3.08 11.17 12.69
N GLY A 4 3.15 9.84 12.64
CA GLY A 4 4.41 9.08 12.57
C GLY A 4 4.86 8.90 11.14
N ILE A 5 6.16 8.78 10.92
CA ILE A 5 6.77 8.37 9.61
C ILE A 5 7.98 7.47 9.90
N VAL A 6 8.14 6.41 9.11
CA VAL A 6 9.25 5.42 9.28
C VAL A 6 10.46 5.89 8.45
N TYR A 7 11.60 6.07 9.12
CA TYR A 7 12.92 6.32 8.48
C TYR A 7 14.06 6.06 9.47
N GLY A 8 15.29 6.11 8.96
CA GLY A 8 16.53 5.75 9.67
C GLY A 8 17.64 5.48 8.68
N ASP A 9 18.90 5.61 9.10
CA ASP A 9 20.09 5.53 8.21
C ASP A 9 20.11 4.17 7.51
N GLN A 10 20.04 3.08 8.29
CA GLN A 10 20.02 1.67 7.81
C GLN A 10 18.80 1.46 6.91
N TYR A 11 17.62 1.87 7.37
CA TYR A 11 16.33 1.73 6.65
C TYR A 11 16.44 2.38 5.26
N ARG A 12 16.93 3.62 5.21
CA ARG A 12 17.13 4.40 3.95
C ARG A 12 18.03 3.60 3.01
N GLN A 13 19.20 3.15 3.50
CA GLN A 13 20.19 2.38 2.71
C GLN A 13 19.55 1.11 2.13
N LEU A 14 18.84 0.34 2.97
CA LEU A 14 18.22 -0.96 2.60
C LEU A 14 17.09 -0.75 1.59
N CYS A 15 16.24 0.27 1.78
CA CYS A 15 15.08 0.58 0.90
C CYS A 15 15.56 1.09 -0.46
N CYS A 16 16.81 1.58 -0.54
CA CYS A 16 17.44 2.12 -1.78
C CYS A 16 18.38 1.10 -2.43
N SER A 17 18.40 -0.16 -1.96
CA SER A 17 19.38 -1.19 -2.37
C SER A 17 18.85 -2.09 -3.48
N SER A 18 17.57 -1.98 -3.85
CA SER A 18 16.93 -2.83 -4.89
C SER A 18 17.21 -2.27 -6.28
N PRO A 19 17.49 -3.11 -7.30
CA PRO A 19 17.74 -2.64 -8.66
C PRO A 19 16.49 -2.08 -9.35
N LYS A 20 15.29 -2.50 -8.92
CA LYS A 20 14.01 -2.11 -9.55
C LYS A 20 13.60 -0.70 -9.08
N PHE A 21 13.65 -0.43 -7.78
CA PHE A 21 13.17 0.85 -7.19
C PHE A 21 14.34 1.82 -6.95
N GLY A 22 15.59 1.36 -7.06
CA GLY A 22 16.78 2.22 -6.96
C GLY A 22 16.69 3.15 -5.75
N ASP A 23 16.82 4.46 -5.98
CA ASP A 23 16.89 5.49 -4.91
C ASP A 23 15.54 6.20 -4.74
N ARG A 24 14.43 5.59 -5.16
CA ARG A 24 13.08 6.21 -5.09
C ARG A 24 12.79 6.66 -3.64
N TYR A 25 13.04 5.81 -2.65
CA TYR A 25 12.77 6.09 -1.21
C TYR A 25 13.56 7.34 -0.77
N ALA A 26 14.82 7.45 -1.20
CA ALA A 26 15.72 8.59 -0.88
C ALA A 26 15.10 9.89 -1.42
N LEU A 27 14.67 9.89 -2.69
CA LEU A 27 14.01 11.07 -3.32
C LEU A 27 12.77 11.45 -2.52
N VAL A 28 11.92 10.48 -2.17
CA VAL A 28 10.63 10.72 -1.46
C VAL A 28 10.93 11.39 -0.11
N MET A 29 11.82 10.79 0.70
CA MET A 29 12.11 11.27 2.07
C MET A 29 12.82 12.64 2.01
N ASP A 30 13.70 12.85 1.03
CA ASP A 30 14.46 14.12 0.85
C ASP A 30 13.51 15.24 0.40
N LEU A 31 12.52 14.94 -0.44
CA LEU A 31 11.52 15.96 -0.89
C LEU A 31 10.63 16.34 0.30
N ILE A 32 10.20 15.36 1.09
CA ILE A 32 9.44 15.57 2.36
C ILE A 32 10.26 16.48 3.28
N ASN A 33 11.56 16.21 3.42
CA ASN A 33 12.48 16.97 4.31
C ASN A 33 12.70 18.38 3.76
N ALA A 34 12.86 18.51 2.44
CA ALA A 34 13.12 19.78 1.72
C ALA A 34 11.94 20.75 1.88
N TYR A 35 10.72 20.22 2.10
CA TYR A 35 9.49 21.01 2.36
C TYR A 35 9.26 21.17 3.87
N LYS A 36 10.28 20.92 4.70
CA LYS A 36 10.30 21.23 6.15
C LYS A 36 9.12 20.53 6.86
N LEU A 37 8.81 19.28 6.50
CA LEU A 37 7.68 18.51 7.10
C LEU A 37 8.19 17.61 8.23
N ILE A 38 9.49 17.29 8.28
CA ILE A 38 10.07 16.29 9.22
C ILE A 38 9.85 16.74 10.66
N PRO A 39 10.08 18.02 11.03
CA PRO A 39 9.82 18.47 12.42
C PRO A 39 8.37 18.28 12.88
N GLU A 40 7.41 18.18 11.96
CA GLU A 40 5.97 17.94 12.26
C GLU A 40 5.72 16.44 12.47
N LEU A 41 6.64 15.58 12.00
CA LEU A 41 6.47 14.11 11.95
C LEU A 41 7.28 13.45 13.07
N SER A 42 6.66 12.53 13.80
CA SER A 42 7.29 11.70 14.84
C SER A 42 8.03 10.52 14.17
N ARG A 43 9.35 10.43 14.31
CA ARG A 43 10.16 9.34 13.69
C ARG A 43 9.76 8.01 14.34
N VAL A 44 9.31 7.04 13.54
CA VAL A 44 9.04 5.65 14.00
C VAL A 44 10.20 4.77 13.52
N PRO A 45 11.06 4.27 14.43
CA PRO A 45 12.21 3.45 14.02
C PRO A 45 11.73 2.08 13.56
N PRO A 46 12.34 1.49 12.52
CA PRO A 46 11.99 0.13 12.10
C PRO A 46 12.16 -0.86 13.26
N LEU A 47 11.25 -1.82 13.37
CA LEU A 47 11.29 -2.88 14.42
C LEU A 47 12.55 -3.73 14.20
N GLN A 48 13.26 -4.05 15.28
CA GLN A 48 14.38 -5.02 15.28
C GLN A 48 14.05 -6.11 16.29
N TRP A 49 14.61 -7.31 16.08
CA TRP A 49 14.32 -8.53 16.88
C TRP A 49 15.54 -8.86 17.76
N ASP A 50 15.30 -9.60 18.84
CA ASP A 50 16.30 -9.94 19.88
C ASP A 50 17.04 -11.22 19.48
N SER A 51 16.55 -11.94 18.47
CA SER A 51 17.17 -13.20 17.98
C SER A 51 16.71 -13.51 16.56
N PRO A 52 17.51 -14.29 15.79
CA PRO A 52 17.05 -14.81 14.50
C PRO A 52 15.74 -15.60 14.63
N SER A 53 15.55 -16.32 15.74
CA SER A 53 14.34 -17.12 16.02
C SER A 53 13.11 -16.21 16.10
N ARG A 54 13.21 -15.10 16.83
CA ARG A 54 12.09 -14.12 16.99
C ARG A 54 11.76 -13.47 15.64
N MET A 55 12.77 -13.21 14.79
CA MET A 55 12.58 -12.64 13.43
C MET A 55 11.82 -13.67 12.58
N TYR A 56 12.26 -14.93 12.61
CA TYR A 56 11.63 -16.05 11.86
C TYR A 56 10.17 -16.20 12.28
N GLU A 57 9.89 -16.19 13.58
CA GLU A 57 8.53 -16.34 14.15
C GLU A 57 7.63 -15.23 13.58
N ALA A 58 8.12 -13.99 13.57
CA ALA A 58 7.38 -12.79 13.10
C ALA A 58 7.07 -12.90 11.61
N VAL A 59 8.05 -13.29 10.79
CA VAL A 59 7.92 -13.36 9.31
C VAL A 59 7.08 -14.60 8.93
N THR A 60 7.24 -15.71 9.65
CA THR A 60 6.51 -16.98 9.40
C THR A 60 5.12 -16.95 10.05
N ALA A 61 4.70 -15.81 10.61
CA ALA A 61 3.29 -15.55 10.99
C ALA A 61 2.41 -15.53 9.73
N PHE A 62 3.01 -15.27 8.56
CA PHE A 62 2.33 -15.36 7.24
C PHE A 62 3.08 -16.32 6.30
N HIS A 63 4.37 -16.09 6.05
CA HIS A 63 5.17 -16.85 5.05
C HIS A 63 5.59 -18.21 5.62
N SER A 64 5.78 -19.20 4.74
CA SER A 64 6.29 -20.55 5.08
C SER A 64 7.78 -20.44 5.45
N THR A 65 8.26 -21.30 6.34
CA THR A 65 9.67 -21.37 6.77
C THR A 65 10.56 -21.67 5.54
N GLU A 66 10.13 -22.58 4.66
CA GLU A 66 10.95 -23.01 3.49
C GLU A 66 11.09 -21.84 2.51
N TYR A 67 10.08 -20.98 2.37
CA TYR A 67 10.13 -19.80 1.48
C TYR A 67 11.13 -18.77 2.03
N VAL A 68 11.07 -18.51 3.35
CA VAL A 68 12.00 -17.55 4.02
C VAL A 68 13.42 -18.09 3.89
N ASP A 69 13.61 -19.40 4.11
CA ASP A 69 14.92 -20.09 3.95
C ASP A 69 15.43 -19.87 2.52
N ALA A 70 14.58 -20.07 1.52
CA ALA A 70 14.95 -19.95 0.08
C ALA A 70 15.36 -18.51 -0.23
N LEU A 71 14.63 -17.53 0.32
CA LEU A 71 14.90 -16.08 0.10
C LEU A 71 16.25 -15.70 0.73
N LYS A 72 16.52 -16.18 1.95
CA LYS A 72 17.83 -15.99 2.63
C LYS A 72 18.95 -16.60 1.80
N LYS A 73 18.76 -17.85 1.33
CA LYS A 73 19.76 -18.58 0.51
C LYS A 73 20.02 -17.79 -0.77
N LEU A 74 18.97 -17.21 -1.37
CA LEU A 74 19.09 -16.43 -2.64
C LEU A 74 19.99 -15.22 -2.41
N GLN A 75 19.81 -14.52 -1.28
CA GLN A 75 20.66 -13.38 -0.87
C GLN A 75 22.11 -13.86 -0.71
N MET A 76 22.34 -14.94 0.05
CA MET A 76 23.70 -15.52 0.28
C MET A 76 24.38 -15.79 -1.07
N LEU A 77 23.68 -16.48 -1.98
CA LEU A 77 24.22 -16.92 -3.29
C LEU A 77 24.60 -15.71 -4.14
N HIS A 78 23.83 -14.62 -4.09
CA HIS A 78 24.07 -13.38 -4.87
C HIS A 78 25.19 -12.57 -4.22
N CYS A 79 25.42 -12.72 -2.91
CA CYS A 79 26.49 -12.02 -2.15
C CYS A 79 27.86 -12.55 -2.61
N GLU A 80 28.11 -13.84 -2.41
CA GLU A 80 29.35 -14.52 -2.89
C GLU A 80 29.16 -14.88 -4.37
N GLU A 81 29.66 -14.03 -5.27
CA GLU A 81 29.44 -14.13 -6.74
C GLU A 81 29.87 -15.53 -7.18
N LYS A 82 28.89 -16.37 -7.52
CA LYS A 82 29.09 -17.73 -8.10
C LYS A 82 27.77 -18.14 -8.78
N GLU A 83 27.85 -18.77 -9.95
CA GLU A 83 26.67 -19.25 -10.71
C GLU A 83 25.82 -20.13 -9.78
N LEU A 84 24.50 -20.09 -9.94
CA LEU A 84 23.56 -21.01 -9.22
C LEU A 84 23.71 -22.41 -9.82
N THR A 85 23.68 -23.46 -8.98
CA THR A 85 23.62 -24.88 -9.41
C THR A 85 22.23 -25.15 -10.00
N ALA A 86 22.06 -26.25 -10.72
CA ALA A 86 20.78 -26.65 -11.35
C ALA A 86 19.71 -26.83 -10.28
N ASP A 87 20.07 -27.41 -9.13
CA ASP A 87 19.15 -27.68 -8.00
C ASP A 87 18.75 -26.35 -7.35
N ASP A 88 19.67 -25.38 -7.25
CA ASP A 88 19.42 -24.02 -6.72
C ASP A 88 18.41 -23.32 -7.64
N GLU A 89 18.64 -23.33 -8.96
CA GLU A 89 17.74 -22.72 -9.97
C GLU A 89 16.33 -23.32 -9.80
N LEU A 90 16.24 -24.63 -9.64
CA LEU A 90 14.98 -25.39 -9.50
C LEU A 90 14.26 -24.96 -8.21
N LEU A 91 14.99 -24.84 -7.10
CA LEU A 91 14.44 -24.42 -5.79
C LEU A 91 13.89 -22.99 -5.89
N MET A 92 14.66 -22.06 -6.47
CA MET A 92 14.26 -20.64 -6.61
C MET A 92 13.02 -20.55 -7.52
N ASP A 93 12.98 -21.32 -8.61
CA ASP A 93 11.83 -21.37 -9.56
C ASP A 93 10.56 -21.79 -8.83
N SER A 94 10.66 -22.76 -7.90
CA SER A 94 9.51 -23.31 -7.13
C SER A 94 8.87 -22.22 -6.27
N PHE A 95 9.59 -21.13 -5.97
CA PHE A 95 9.13 -20.00 -5.14
C PHE A 95 9.00 -18.72 -5.97
N SER A 96 9.03 -18.83 -7.30
CA SER A 96 8.90 -17.70 -8.26
C SER A 96 9.94 -16.62 -7.94
N LEU A 97 11.13 -17.00 -7.48
CA LEU A 97 12.28 -16.09 -7.26
C LEU A 97 13.20 -16.15 -8.49
N ASN A 98 12.66 -15.87 -9.67
CA ASN A 98 13.35 -16.08 -10.97
C ASN A 98 13.19 -14.83 -11.85
N TYR A 99 12.02 -14.65 -12.47
CA TYR A 99 11.81 -13.71 -13.60
C TYR A 99 11.53 -12.29 -13.07
N ASP A 100 10.31 -12.03 -12.62
CA ASP A 100 9.86 -10.68 -12.18
C ASP A 100 10.43 -10.37 -10.79
N CYS A 101 10.89 -11.39 -10.06
CA CYS A 101 11.45 -11.28 -8.70
C CYS A 101 12.85 -11.89 -8.69
N PRO A 102 13.82 -11.24 -9.36
CA PRO A 102 15.19 -11.78 -9.43
C PRO A 102 15.90 -11.67 -8.09
N GLY A 103 16.98 -12.42 -7.92
CA GLY A 103 17.91 -12.27 -6.79
C GLY A 103 18.74 -11.01 -6.95
N PHE A 104 19.24 -10.48 -5.83
CA PHE A 104 20.30 -9.43 -5.78
C PHE A 104 20.97 -9.53 -4.42
N PRO A 105 22.19 -8.96 -4.25
CA PRO A 105 22.96 -9.15 -3.02
C PRO A 105 22.24 -8.83 -1.70
N SER A 106 21.25 -7.92 -1.71
CA SER A 106 20.54 -7.45 -0.49
C SER A 106 19.05 -7.81 -0.54
N VAL A 107 18.64 -8.83 -1.32
CA VAL A 107 17.20 -9.14 -1.59
C VAL A 107 16.46 -9.42 -0.28
N PHE A 108 17.05 -10.17 0.66
CA PHE A 108 16.40 -10.56 1.94
C PHE A 108 16.35 -9.35 2.88
N ASP A 109 17.46 -8.61 3.00
CA ASP A 109 17.57 -7.43 3.91
C ASP A 109 16.61 -6.33 3.42
N TYR A 110 16.54 -6.12 2.10
CA TYR A 110 15.61 -5.15 1.45
C TYR A 110 14.16 -5.55 1.78
N SER A 111 13.80 -6.80 1.54
CA SER A 111 12.43 -7.35 1.76
C SER A 111 12.05 -7.25 3.24
N LEU A 112 12.95 -7.67 4.13
CA LEU A 112 12.74 -7.67 5.61
C LEU A 112 12.57 -6.24 6.13
N ALA A 113 13.35 -5.28 5.61
CA ALA A 113 13.32 -3.86 6.04
C ALA A 113 11.88 -3.31 5.95
N ALA A 114 11.17 -3.59 4.86
CA ALA A 114 9.76 -3.16 4.65
C ALA A 114 8.87 -3.74 5.76
N VAL A 115 9.09 -5.01 6.13
CA VAL A 115 8.37 -5.71 7.24
C VAL A 115 8.68 -4.98 8.55
N GLN A 116 9.96 -4.71 8.84
CA GLN A 116 10.40 -4.02 10.08
C GLN A 116 9.69 -2.66 10.17
N GLY A 117 9.62 -1.92 9.06
CA GLY A 117 9.00 -0.59 9.00
C GLY A 117 7.51 -0.64 9.30
N SER A 118 6.77 -1.51 8.60
CA SER A 118 5.29 -1.59 8.69
C SER A 118 4.88 -2.19 10.05
N LEU A 119 5.64 -3.15 10.58
CA LEU A 119 5.36 -3.75 11.91
C LEU A 119 5.52 -2.66 12.99
N ALA A 120 6.60 -1.88 12.93
CA ALA A 120 6.86 -0.74 13.85
C ALA A 120 5.72 0.28 13.75
N ALA A 121 5.24 0.58 12.53
CA ALA A 121 4.12 1.52 12.28
C ALA A 121 2.85 0.98 12.94
N ALA A 122 2.56 -0.32 12.79
CA ALA A 122 1.40 -1.00 13.42
C ALA A 122 1.47 -0.83 14.95
N SER A 123 2.63 -1.12 15.55
CA SER A 123 2.87 -1.04 17.02
C SER A 123 2.61 0.40 17.51
N ALA A 124 3.16 1.39 16.80
CA ALA A 124 3.00 2.83 17.10
C ALA A 124 1.51 3.22 17.12
N LEU A 125 0.70 2.67 16.21
CA LEU A 125 -0.77 2.90 16.16
C LEU A 125 -1.44 2.18 17.35
N ILE A 126 -1.05 0.94 17.64
CA ILE A 126 -1.66 0.08 18.70
C ILE A 126 -1.50 0.76 20.07
N CYS A 127 -0.28 1.19 20.42
CA CYS A 127 0.05 1.82 21.73
C CYS A 127 -0.41 3.28 21.74
N ARG A 128 -1.09 3.74 20.70
CA ARG A 128 -1.77 5.08 20.61
C ARG A 128 -0.72 6.20 20.69
N HIS A 129 0.51 5.94 20.26
CA HIS A 129 1.61 6.94 20.22
C HIS A 129 1.40 7.90 19.04
N CYS A 130 0.93 7.37 17.91
CA CYS A 130 0.51 8.16 16.72
C CYS A 130 -0.92 7.78 16.33
N GLU A 131 -1.67 8.73 15.76
CA GLU A 131 -3.02 8.49 15.20
C GLU A 131 -2.89 8.04 13.73
N VAL A 132 -1.84 8.48 13.04
CA VAL A 132 -1.49 8.04 11.66
C VAL A 132 0.02 7.79 11.62
N VAL A 133 0.43 6.70 10.97
CA VAL A 133 1.87 6.41 10.69
C VAL A 133 2.02 6.17 9.17
N ILE A 134 3.06 6.73 8.59
CA ILE A 134 3.39 6.60 7.14
C ILE A 134 4.66 5.76 7.01
N ASN A 135 4.65 4.82 6.06
CA ASN A 135 5.83 4.00 5.69
C ASN A 135 5.94 3.95 4.17
N TRP A 136 6.72 4.85 3.58
CA TRP A 136 6.95 4.92 2.10
C TRP A 136 7.93 3.83 1.67
N GLY A 137 8.52 3.11 2.62
CA GLY A 137 9.36 1.93 2.37
C GLY A 137 8.54 0.64 2.26
N GLY A 138 7.23 0.70 2.53
CA GLY A 138 6.34 -0.47 2.56
C GLY A 138 5.27 -0.42 1.48
N GLY A 139 4.34 -1.37 1.52
CA GLY A 139 3.15 -1.45 0.63
C GLY A 139 3.28 -2.53 -0.42
N TRP A 140 3.93 -3.66 -0.11
CA TRP A 140 4.24 -4.75 -1.09
C TRP A 140 3.14 -5.82 -1.05
N HIS A 141 2.03 -5.53 -1.72
CA HIS A 141 0.73 -6.24 -1.64
C HIS A 141 0.71 -7.58 -2.42
N HIS A 142 1.70 -7.86 -3.26
CA HIS A 142 1.68 -9.03 -4.20
C HIS A 142 2.27 -10.29 -3.55
N ALA A 143 3.19 -10.16 -2.58
CA ALA A 143 3.91 -11.31 -1.97
C ALA A 143 2.90 -12.27 -1.37
N LYS A 144 3.07 -13.58 -1.63
CA LYS A 144 2.22 -14.68 -1.12
C LYS A 144 3.01 -15.47 -0.06
N ARG A 145 2.32 -16.35 0.66
CA ARG A 145 2.87 -17.21 1.74
C ARG A 145 4.21 -17.84 1.30
N SER A 146 4.23 -18.50 0.14
CA SER A 146 5.41 -19.24 -0.39
C SER A 146 5.75 -18.81 -1.82
N GLU A 147 5.53 -17.54 -2.17
CA GLU A 147 5.73 -17.06 -3.57
C GLU A 147 6.05 -15.57 -3.59
N ALA A 148 7.16 -15.19 -4.23
CA ALA A 148 7.45 -13.80 -4.66
C ALA A 148 6.61 -13.51 -5.91
N SER A 149 6.15 -12.26 -6.06
CA SER A 149 5.32 -11.80 -7.20
C SER A 149 5.45 -10.28 -7.35
N GLY A 150 5.67 -9.78 -8.57
CA GLY A 150 5.63 -8.34 -8.91
C GLY A 150 6.62 -7.51 -8.10
N PHE A 151 7.82 -8.05 -7.91
CA PHE A 151 8.94 -7.48 -7.11
C PHE A 151 8.51 -7.24 -5.65
N CYS A 152 7.56 -8.04 -5.16
CA CYS A 152 7.20 -8.16 -3.72
C CYS A 152 7.66 -9.53 -3.24
N TYR A 153 8.57 -9.56 -2.25
CA TYR A 153 9.22 -10.80 -1.74
C TYR A 153 8.63 -11.18 -0.37
N LEU A 154 8.45 -10.21 0.52
CA LEU A 154 7.75 -10.40 1.82
C LEU A 154 6.59 -9.41 1.89
N ASN A 155 5.44 -9.87 2.39
CA ASN A 155 4.20 -9.05 2.46
C ASN A 155 4.17 -8.32 3.80
N ASP A 156 4.82 -7.16 3.84
CA ASP A 156 4.84 -6.24 5.02
C ASP A 156 3.40 -5.89 5.43
N ILE A 157 2.49 -5.75 4.46
CA ILE A 157 1.08 -5.30 4.71
C ILE A 157 0.33 -6.35 5.53
N VAL A 158 0.38 -7.61 5.08
CA VAL A 158 -0.31 -8.77 5.73
C VAL A 158 0.18 -8.89 7.17
N LEU A 159 1.50 -8.82 7.38
CA LEU A 159 2.12 -8.95 8.72
C LEU A 159 1.70 -7.76 9.60
N ALA A 160 1.62 -6.55 9.05
CA ALA A 160 1.17 -5.33 9.77
C ALA A 160 -0.30 -5.51 10.18
N ILE A 161 -1.17 -5.91 9.25
CA ILE A 161 -2.62 -6.12 9.51
C ILE A 161 -2.79 -7.21 10.58
N HIS A 162 -2.08 -8.32 10.45
CA HIS A 162 -2.11 -9.46 11.42
C HIS A 162 -1.83 -8.93 12.82
N ARG A 163 -0.79 -8.10 12.98
CA ARG A 163 -0.42 -7.50 14.29
C ARG A 163 -1.56 -6.61 14.79
N LEU A 164 -2.20 -5.84 13.90
CA LEU A 164 -3.32 -4.93 14.26
C LEU A 164 -4.53 -5.74 14.75
N VAL A 165 -4.94 -6.80 14.04
CA VAL A 165 -6.12 -7.64 14.44
C VAL A 165 -5.79 -8.45 15.70
N SER A 166 -4.53 -8.86 15.87
CA SER A 166 -4.04 -9.67 17.02
C SER A 166 -4.08 -8.84 18.31
N SER A 167 -4.05 -7.51 18.20
CA SER A 167 -4.12 -6.55 19.33
C SER A 167 -5.55 -6.48 19.86
N THR A 168 -5.72 -6.01 21.10
CA THR A 168 -7.03 -5.86 21.81
C THR A 168 -7.31 -4.38 22.07
N GLN A 177 -13.94 -6.11 19.82
CA GLN A 177 -13.66 -6.97 18.62
C GLN A 177 -12.97 -6.12 17.54
N THR A 178 -11.67 -6.33 17.32
CA THR A 178 -10.83 -5.56 16.38
C THR A 178 -11.23 -5.91 14.94
N ARG A 179 -11.48 -4.90 14.11
CA ARG A 179 -11.73 -5.04 12.66
C ARG A 179 -10.82 -4.06 11.91
N VAL A 180 -10.20 -4.53 10.82
CA VAL A 180 -9.26 -3.71 10.00
C VAL A 180 -9.84 -3.59 8.59
N LEU A 181 -9.95 -2.36 8.09
CA LEU A 181 -10.30 -2.04 6.68
C LEU A 181 -9.00 -1.78 5.92
N TYR A 182 -8.71 -2.60 4.91
CA TYR A 182 -7.58 -2.42 3.99
C TYR A 182 -8.08 -1.80 2.68
N VAL A 183 -7.51 -0.66 2.30
CA VAL A 183 -7.82 0.07 1.03
C VAL A 183 -6.55 0.08 0.17
N ASP A 184 -6.66 -0.48 -1.04
CA ASP A 184 -5.53 -0.62 -1.99
C ASP A 184 -5.83 0.29 -3.20
N LEU A 185 -5.11 1.41 -3.30
CA LEU A 185 -5.31 2.45 -4.36
C LEU A 185 -4.30 2.29 -5.50
N ASP A 186 -3.37 1.34 -5.38
CA ASP A 186 -2.37 0.98 -6.43
C ASP A 186 -3.09 0.69 -7.75
N LEU A 187 -2.42 0.89 -8.89
CA LEU A 187 -2.92 0.59 -10.25
C LEU A 187 -3.27 -0.91 -10.36
N HIS A 188 -2.53 -1.76 -9.66
CA HIS A 188 -2.61 -3.25 -9.71
C HIS A 188 -3.49 -3.78 -8.57
N HIS A 189 -4.21 -4.87 -8.81
CA HIS A 189 -5.02 -5.59 -7.79
C HIS A 189 -4.15 -6.02 -6.62
N GLY A 190 -4.59 -5.75 -5.38
CA GLY A 190 -3.93 -6.20 -4.15
C GLY A 190 -4.23 -7.66 -3.85
N ASP A 191 -3.75 -8.58 -4.70
CA ASP A 191 -4.10 -10.02 -4.66
C ASP A 191 -3.55 -10.68 -3.39
N GLY A 192 -2.29 -10.39 -3.04
CA GLY A 192 -1.60 -11.02 -1.90
C GLY A 192 -2.32 -10.75 -0.59
N VAL A 193 -2.67 -9.49 -0.35
CA VAL A 193 -3.36 -9.06 0.91
C VAL A 193 -4.76 -9.67 0.94
N GLU A 194 -5.46 -9.64 -0.19
CA GLU A 194 -6.85 -10.16 -0.35
C GLU A 194 -6.85 -11.67 -0.04
N GLU A 195 -5.93 -12.41 -0.65
CA GLU A 195 -5.80 -13.88 -0.52
C GLU A 195 -5.52 -14.24 0.95
N ALA A 196 -4.61 -13.50 1.60
CA ALA A 196 -4.16 -13.77 2.98
C ALA A 196 -5.35 -13.73 3.95
N PHE A 197 -6.31 -12.83 3.73
CA PHE A 197 -7.46 -12.62 4.64
C PHE A 197 -8.77 -13.10 3.98
N TRP A 198 -8.68 -13.92 2.93
CA TRP A 198 -9.81 -14.44 2.13
C TRP A 198 -10.87 -15.08 3.04
N TYR A 199 -10.46 -15.66 4.18
CA TYR A 199 -11.33 -16.45 5.08
C TYR A 199 -11.66 -15.69 6.37
N SER A 200 -11.21 -14.44 6.51
CA SER A 200 -11.41 -13.60 7.73
C SER A 200 -12.46 -12.52 7.46
N PRO A 201 -13.51 -12.43 8.31
CA PRO A 201 -14.44 -11.29 8.27
C PRO A 201 -13.96 -10.06 9.07
N ARG A 202 -12.91 -10.21 9.89
CA ARG A 202 -12.35 -9.13 10.75
C ARG A 202 -11.46 -8.20 9.93
N VAL A 203 -10.88 -8.70 8.84
CA VAL A 203 -10.08 -7.89 7.88
C VAL A 203 -10.87 -7.81 6.56
N VAL A 204 -11.46 -6.65 6.29
CA VAL A 204 -12.16 -6.38 4.99
C VAL A 204 -11.13 -5.74 4.06
N THR A 205 -11.00 -6.29 2.84
CA THR A 205 -10.05 -5.80 1.82
C THR A 205 -10.86 -5.17 0.68
N PHE A 206 -10.42 -3.99 0.23
CA PHE A 206 -11.00 -3.26 -0.90
C PHE A 206 -9.86 -2.78 -1.80
N SER A 207 -9.81 -3.32 -3.01
CA SER A 207 -8.83 -2.92 -4.06
C SER A 207 -9.59 -2.24 -5.21
N VAL A 208 -9.17 -1.03 -5.56
CA VAL A 208 -9.54 -0.36 -6.83
C VAL A 208 -8.32 -0.45 -7.74
N HIS A 209 -8.50 -0.85 -9.00
CA HIS A 209 -7.37 -1.16 -9.90
C HIS A 209 -7.84 -1.20 -11.35
N HIS A 210 -6.87 -1.18 -12.26
CA HIS A 210 -7.06 -1.57 -13.67
C HIS A 210 -7.06 -3.10 -13.74
N ALA A 211 -7.99 -3.65 -14.52
CA ALA A 211 -8.03 -5.07 -14.93
C ALA A 211 -8.34 -5.11 -16.43
N SER A 212 -7.60 -5.93 -17.17
CA SER A 212 -7.82 -6.18 -18.61
C SER A 212 -7.12 -7.48 -18.99
N PRO A 213 -7.59 -8.20 -20.02
CA PRO A 213 -6.98 -9.48 -20.40
C PRO A 213 -5.45 -9.38 -20.50
N GLY A 214 -4.74 -10.18 -19.72
CA GLY A 214 -3.26 -10.30 -19.76
C GLY A 214 -2.56 -9.29 -18.86
N PHE A 215 -3.31 -8.39 -18.22
CA PHE A 215 -2.77 -7.34 -17.33
C PHE A 215 -2.51 -7.93 -15.95
N PHE A 216 -1.30 -7.72 -15.42
CA PHE A 216 -0.83 -8.22 -14.11
C PHE A 216 -1.73 -7.70 -12.99
N PRO A 217 -2.08 -8.52 -11.98
CA PRO A 217 -1.79 -9.95 -11.95
C PRO A 217 -2.91 -10.85 -12.49
N GLY A 218 -3.99 -10.25 -13.02
CA GLY A 218 -5.08 -10.98 -13.71
C GLY A 218 -6.32 -11.17 -12.84
N THR A 219 -6.22 -10.87 -11.53
CA THR A 219 -7.31 -11.08 -10.53
C THR A 219 -8.02 -9.75 -10.23
N GLY A 220 -9.03 -9.80 -9.36
CA GLY A 220 -9.78 -8.62 -8.88
C GLY A 220 -10.84 -8.20 -9.86
N THR A 221 -11.38 -9.14 -10.64
CA THR A 221 -12.44 -8.90 -11.65
C THR A 221 -13.31 -10.15 -11.78
N TRP A 222 -14.09 -10.28 -12.86
CA TRP A 222 -14.93 -11.47 -13.16
C TRP A 222 -14.02 -12.66 -13.49
N ASN A 223 -14.43 -13.88 -13.15
CA ASN A 223 -13.67 -15.13 -13.46
C ASN A 223 -14.65 -16.24 -13.88
N PRO A 231 -19.26 -16.39 -14.91
CA PRO A 231 -18.94 -14.95 -14.86
C PRO A 231 -19.40 -14.32 -13.54
N ILE A 232 -18.86 -14.82 -12.41
CA ILE A 232 -19.21 -14.37 -11.03
C ILE A 232 -18.00 -13.65 -10.41
N PHE A 233 -18.25 -12.72 -9.49
CA PHE A 233 -17.23 -12.05 -8.65
C PHE A 233 -16.99 -12.85 -7.37
N LEU A 234 -15.79 -13.42 -7.23
CA LEU A 234 -15.34 -14.04 -5.96
C LEU A 234 -15.07 -12.91 -4.95
N ASN A 235 -15.51 -13.06 -3.71
CA ASN A 235 -15.49 -11.97 -2.69
C ASN A 235 -15.16 -12.53 -1.30
N GLY A 236 -14.46 -13.67 -1.23
CA GLY A 236 -14.10 -14.36 0.02
C GLY A 236 -14.84 -15.69 0.15
N ALA A 237 -14.45 -16.51 1.12
CA ALA A 237 -15.01 -17.85 1.38
C ALA A 237 -15.16 -18.07 2.89
N GLY A 238 -15.91 -19.12 3.27
CA GLY A 238 -16.19 -19.45 4.68
C GLY A 238 -16.72 -18.25 5.44
N ARG A 239 -16.13 -17.95 6.60
CA ARG A 239 -16.52 -16.82 7.48
C ARG A 239 -16.15 -15.48 6.83
N GLY A 240 -15.24 -15.49 5.84
CA GLY A 240 -14.79 -14.28 5.12
C GLY A 240 -15.61 -13.99 3.87
N ARG A 241 -16.72 -14.70 3.66
CA ARG A 241 -17.61 -14.52 2.48
C ARG A 241 -18.12 -13.07 2.46
N PHE A 242 -18.11 -12.45 1.27
CA PHE A 242 -18.58 -11.07 1.00
C PHE A 242 -17.60 -10.02 1.58
N SER A 243 -16.42 -10.43 2.03
CA SER A 243 -15.47 -9.57 2.80
C SER A 243 -14.32 -9.07 1.91
N ALA A 244 -14.24 -9.47 0.64
CA ALA A 244 -13.24 -9.00 -0.33
C ALA A 244 -13.92 -8.20 -1.45
N PHE A 245 -13.67 -6.88 -1.49
CA PHE A 245 -14.28 -5.92 -2.44
C PHE A 245 -13.24 -5.56 -3.52
N ASN A 246 -13.70 -5.48 -4.77
CA ASN A 246 -12.85 -5.14 -5.94
C ASN A 246 -13.64 -4.19 -6.87
N LEU A 247 -12.97 -3.12 -7.31
CA LEU A 247 -13.46 -2.19 -8.36
C LEU A 247 -12.46 -2.20 -9.50
N PRO A 248 -12.64 -3.07 -10.53
CA PRO A 248 -11.83 -3.02 -11.74
C PRO A 248 -12.32 -1.85 -12.59
N LEU A 249 -11.41 -1.00 -13.06
CA LEU A 249 -11.71 0.16 -13.93
C LEU A 249 -10.94 0.02 -15.24
N GLU A 250 -11.54 0.52 -16.32
CA GLU A 250 -10.92 0.57 -17.67
C GLU A 250 -9.86 1.68 -17.68
N GLU A 251 -8.96 1.58 -18.67
CA GLU A 251 -7.85 2.53 -18.96
C GLU A 251 -8.39 3.95 -19.12
N GLY A 252 -7.62 4.96 -18.68
CA GLY A 252 -7.82 6.38 -19.04
C GLY A 252 -8.60 7.18 -17.99
N ILE A 253 -8.97 6.60 -16.85
CA ILE A 253 -9.84 7.28 -15.85
C ILE A 253 -9.07 8.42 -15.18
N ASN A 254 -9.74 9.56 -14.98
CA ASN A 254 -9.14 10.81 -14.45
C ASN A 254 -9.45 10.96 -12.95
N ASP A 255 -9.00 12.05 -12.34
CA ASP A 255 -9.13 12.35 -10.89
C ASP A 255 -10.60 12.28 -10.47
N LEU A 256 -11.48 12.98 -11.19
CA LEU A 256 -12.89 13.19 -10.77
C LEU A 256 -13.66 11.87 -10.84
N ASP A 257 -13.58 11.14 -11.95
CA ASP A 257 -14.33 9.86 -12.16
C ASP A 257 -13.83 8.80 -11.16
N TRP A 258 -12.51 8.70 -10.99
CA TRP A 258 -11.87 7.78 -10.00
C TRP A 258 -12.41 8.09 -8.59
N SER A 259 -12.43 9.38 -8.24
CA SER A 259 -12.93 9.90 -6.92
C SER A 259 -14.40 9.51 -6.72
N ASN A 260 -15.23 9.75 -7.74
CA ASN A 260 -16.70 9.46 -7.70
C ASN A 260 -16.92 7.94 -7.65
N ALA A 261 -16.05 7.17 -8.30
CA ALA A 261 -16.12 5.69 -8.32
C ALA A 261 -15.85 5.12 -6.92
N ILE A 262 -14.86 5.64 -6.20
CA ILE A 262 -14.38 5.01 -4.92
C ILE A 262 -14.99 5.71 -3.70
N GLY A 263 -15.37 6.98 -3.81
CA GLY A 263 -15.86 7.80 -2.67
C GLY A 263 -17.00 7.12 -1.90
N PRO A 264 -18.14 6.84 -2.57
CA PRO A 264 -19.26 6.15 -1.93
C PRO A 264 -18.94 4.76 -1.36
N ILE A 265 -18.00 4.04 -1.97
CA ILE A 265 -17.56 2.68 -1.51
C ILE A 265 -16.84 2.84 -0.16
N LEU A 266 -15.84 3.73 -0.10
CA LEU A 266 -15.07 4.04 1.14
C LEU A 266 -16.03 4.48 2.25
N ASP A 267 -16.93 5.42 1.97
CA ASP A 267 -17.92 5.94 2.96
C ASP A 267 -18.77 4.79 3.49
N SER A 268 -19.29 3.94 2.60
CA SER A 268 -20.20 2.81 2.94
C SER A 268 -19.45 1.75 3.76
N LEU A 269 -18.20 1.45 3.38
CA LEU A 269 -17.35 0.45 4.08
C LEU A 269 -17.05 0.92 5.51
N ASN A 270 -16.63 2.18 5.68
CA ASN A 270 -16.38 2.80 7.00
C ASN A 270 -17.63 2.72 7.88
N ILE A 271 -18.80 3.09 7.33
CA ILE A 271 -20.09 3.17 8.09
C ILE A 271 -20.49 1.76 8.55
N VAL A 272 -20.46 0.77 7.65
CA VAL A 272 -20.92 -0.62 7.92
C VAL A 272 -19.90 -1.35 8.80
N ILE A 273 -18.61 -1.30 8.47
CA ILE A 273 -17.55 -2.11 9.16
C ILE A 273 -17.22 -1.46 10.51
N GLN A 274 -17.19 -0.12 10.57
CA GLN A 274 -16.74 0.66 11.75
C GLN A 274 -15.37 0.13 12.18
N PRO A 275 -14.34 0.25 11.31
CA PRO A 275 -13.06 -0.39 11.56
C PRO A 275 -12.34 0.21 12.79
N SER A 276 -11.56 -0.61 13.49
CA SER A 276 -10.65 -0.19 14.59
C SER A 276 -9.40 0.45 13.99
N TYR A 277 -8.96 -0.05 12.83
CA TYR A 277 -7.77 0.42 12.07
C TYR A 277 -8.09 0.45 10.58
N VAL A 278 -7.48 1.39 9.85
CA VAL A 278 -7.51 1.46 8.36
C VAL A 278 -6.06 1.35 7.86
N VAL A 279 -5.79 0.42 6.95
CA VAL A 279 -4.47 0.30 6.27
C VAL A 279 -4.65 0.66 4.79
N VAL A 280 -3.95 1.69 4.33
CA VAL A 280 -4.07 2.26 2.96
C VAL A 280 -2.77 2.01 2.20
N GLN A 281 -2.82 1.19 1.15
CA GLN A 281 -1.73 1.07 0.14
C GLN A 281 -1.94 2.20 -0.87
N CYS A 282 -0.95 3.09 -1.03
CA CYS A 282 -1.06 4.34 -1.82
C CYS A 282 -0.10 4.32 -3.00
N GLY A 283 0.01 3.18 -3.69
CA GLY A 283 0.83 3.01 -4.91
C GLY A 283 0.55 4.11 -5.92
N ALA A 284 1.62 4.75 -6.41
CA ALA A 284 1.57 5.99 -7.24
C ALA A 284 1.55 5.69 -8.73
N ASP A 285 1.28 4.45 -9.16
CA ASP A 285 1.34 4.03 -10.58
C ASP A 285 0.00 4.30 -11.30
N CYS A 286 -0.96 4.94 -10.64
CA CYS A 286 -2.19 5.48 -11.28
C CYS A 286 -1.94 6.88 -11.86
N LEU A 287 -0.80 7.52 -11.52
CA LEU A 287 -0.43 8.86 -12.03
C LEU A 287 -0.40 8.83 -13.57
N ALA A 288 -0.89 9.90 -14.20
CA ALA A 288 -0.90 10.10 -15.67
C ALA A 288 0.51 9.92 -16.24
N THR A 289 1.53 10.32 -15.48
CA THR A 289 2.96 10.38 -15.90
C THR A 289 3.71 9.12 -15.47
N ASP A 290 3.03 8.13 -14.87
CA ASP A 290 3.64 6.80 -14.64
C ASP A 290 3.89 6.15 -16.01
N PRO A 291 5.04 5.48 -16.22
CA PRO A 291 5.34 4.83 -17.50
C PRO A 291 4.31 3.78 -17.95
N HIS A 292 3.51 3.22 -17.02
CA HIS A 292 2.37 2.30 -17.32
C HIS A 292 1.39 3.00 -18.27
N ARG A 293 1.11 4.29 -18.01
CA ARG A 293 0.26 5.16 -18.87
C ARG A 293 -1.15 4.56 -18.99
N ILE A 294 -1.74 4.12 -17.88
CA ILE A 294 -3.07 3.45 -17.87
C ILE A 294 -4.11 4.41 -17.29
N PHE A 295 -3.93 4.86 -16.05
CA PHE A 295 -4.81 5.86 -15.38
C PHE A 295 -4.21 7.25 -15.57
N ARG A 296 -5.00 8.29 -15.28
CA ARG A 296 -4.67 9.72 -15.55
C ARG A 296 -4.85 10.53 -14.26
N LEU A 297 -4.55 9.94 -13.10
CA LEU A 297 -4.59 10.62 -11.78
C LEU A 297 -3.42 11.62 -11.68
N THR A 298 -3.56 12.62 -10.81
CA THR A 298 -2.55 13.68 -10.57
C THR A 298 -2.26 13.80 -9.07
N ASN A 299 -1.47 14.81 -8.70
CA ASN A 299 -1.17 15.19 -7.29
C ASN A 299 -1.67 16.62 -7.02
N PHE A 300 -2.59 17.13 -7.85
CA PHE A 300 -3.10 18.53 -7.77
C PHE A 300 -3.87 18.74 -6.46
N TYR A 301 -3.55 19.84 -5.77
CA TYR A 301 -4.24 20.31 -4.54
C TYR A 301 -4.53 21.80 -4.68
N PRO A 302 -5.81 22.21 -4.84
CA PRO A 302 -6.14 23.62 -5.04
C PRO A 302 -5.89 24.50 -3.80
N LEU A 316 -8.89 18.32 -8.14
CA LEU A 316 -8.33 17.69 -6.92
C LEU A 316 -7.85 16.27 -7.23
N SER A 317 -6.59 15.97 -6.93
CA SER A 317 -5.98 14.61 -7.02
C SER A 317 -6.94 13.58 -6.40
N GLY A 318 -7.25 12.50 -7.14
CA GLY A 318 -8.03 11.37 -6.61
C GLY A 318 -7.38 10.78 -5.37
N TYR A 319 -6.05 10.62 -5.39
CA TYR A 319 -5.25 10.12 -4.24
C TYR A 319 -5.56 10.99 -3.00
N LEU A 320 -5.43 12.31 -3.13
CA LEU A 320 -5.60 13.27 -2.01
C LEU A 320 -7.06 13.27 -1.54
N TYR A 321 -8.00 13.16 -2.48
CA TYR A 321 -9.46 13.03 -2.21
C TYR A 321 -9.72 11.81 -1.32
N ALA A 322 -9.17 10.65 -1.72
CA ALA A 322 -9.34 9.36 -1.03
C ALA A 322 -8.72 9.44 0.38
N ILE A 323 -7.50 9.96 0.48
CA ILE A 323 -6.72 10.04 1.76
C ILE A 323 -7.47 10.99 2.72
N LYS A 324 -7.90 12.16 2.23
CA LYS A 324 -8.64 13.15 3.05
C LYS A 324 -9.93 12.52 3.60
N LYS A 325 -10.67 11.78 2.78
CA LYS A 325 -11.94 11.10 3.18
C LYS A 325 -11.64 10.06 4.26
N ILE A 326 -10.59 9.25 4.06
CA ILE A 326 -10.20 8.16 5.02
C ILE A 326 -9.84 8.80 6.36
N LEU A 327 -9.02 9.85 6.35
CA LEU A 327 -8.54 10.56 7.58
C LEU A 327 -9.70 11.24 8.29
N SER A 328 -10.74 11.67 7.56
CA SER A 328 -11.94 12.35 8.12
C SER A 328 -12.70 11.43 9.08
N TRP A 329 -12.49 10.10 8.98
CA TRP A 329 -13.18 9.09 9.82
C TRP A 329 -12.60 9.09 11.24
N LYS A 330 -11.39 9.64 11.43
CA LYS A 330 -10.70 9.72 12.74
C LYS A 330 -10.49 8.31 13.29
N VAL A 331 -10.08 7.38 12.44
CA VAL A 331 -9.73 5.99 12.80
C VAL A 331 -8.21 5.83 12.66
N PRO A 332 -7.50 5.27 13.66
CA PRO A 332 -6.07 5.05 13.55
C PRO A 332 -5.72 4.41 12.19
N THR A 333 -4.84 5.04 11.42
CA THR A 333 -4.64 4.74 9.98
C THR A 333 -3.15 4.51 9.69
N LEU A 334 -2.86 3.44 8.95
CA LEU A 334 -1.51 3.14 8.42
C LEU A 334 -1.51 3.45 6.91
N ILE A 335 -0.63 4.36 6.49
CA ILE A 335 -0.47 4.75 5.05
C ILE A 335 0.87 4.18 4.56
N LEU A 336 0.82 3.35 3.51
CA LEU A 336 2.01 2.68 2.93
C LEU A 336 2.16 3.13 1.48
N GLY A 337 3.34 2.88 0.91
CA GLY A 337 3.66 3.16 -0.51
C GLY A 337 3.25 1.99 -1.39
N GLY A 338 4.15 1.57 -2.28
CA GLY A 338 3.96 0.44 -3.21
C GLY A 338 4.49 0.78 -4.59
N GLY A 339 3.70 0.51 -5.64
CA GLY A 339 4.00 0.87 -7.02
C GLY A 339 4.25 2.36 -7.20
N GLY A 340 4.83 2.74 -8.33
CA GLY A 340 5.22 4.13 -8.67
C GLY A 340 6.60 4.12 -9.30
N TYR A 341 6.68 4.24 -10.62
CA TYR A 341 7.91 3.98 -11.42
C TYR A 341 8.42 5.26 -12.08
N ASN A 342 7.64 6.35 -12.03
CA ASN A 342 8.14 7.74 -12.18
C ASN A 342 8.55 8.21 -10.78
N PHE A 343 9.85 8.17 -10.46
CA PHE A 343 10.36 8.37 -9.08
C PHE A 343 10.12 9.81 -8.64
N PRO A 344 10.49 10.85 -9.44
CA PRO A 344 10.20 12.23 -9.06
C PRO A 344 8.70 12.52 -8.82
N ASP A 345 7.82 11.98 -9.67
CA ASP A 345 6.35 12.23 -9.60
C ASP A 345 5.77 11.45 -8.42
N THR A 346 6.30 10.25 -8.14
CA THR A 346 5.93 9.45 -6.94
C THR A 346 6.28 10.26 -5.69
N ALA A 347 7.46 10.88 -5.68
CA ALA A 347 7.93 11.75 -4.58
C ALA A 347 7.01 12.97 -4.44
N ARG A 348 6.62 13.58 -5.56
CA ARG A 348 5.73 14.78 -5.60
C ARG A 348 4.36 14.44 -5.00
N LEU A 349 3.82 13.28 -5.33
CA LEU A 349 2.49 12.81 -4.82
C LEU A 349 2.61 12.53 -3.32
N TRP A 350 3.61 11.76 -2.90
CA TRP A 350 3.74 11.27 -1.51
C TRP A 350 4.11 12.40 -0.56
N THR A 351 4.82 13.43 -1.04
CA THR A 351 5.10 14.66 -0.26
C THR A 351 3.77 15.38 0.01
N ARG A 352 2.93 15.53 -1.03
CA ARG A 352 1.56 16.10 -0.94
C ARG A 352 0.70 15.25 0.01
N VAL A 353 0.82 13.92 -0.04
CA VAL A 353 0.03 13.01 0.85
C VAL A 353 0.47 13.22 2.31
N THR A 354 1.76 13.44 2.55
CA THR A 354 2.33 13.63 3.91
C THR A 354 1.90 14.99 4.47
N ALA A 355 1.91 16.04 3.63
CA ALA A 355 1.45 17.40 4.00
C ALA A 355 -0.04 17.35 4.36
N LEU A 356 -0.86 16.73 3.50
CA LEU A 356 -2.33 16.59 3.71
C LEU A 356 -2.60 15.87 5.05
N THR A 357 -1.86 14.79 5.33
CA THR A 357 -2.02 13.96 6.55
C THR A 357 -1.74 14.82 7.79
N ILE A 358 -0.69 15.63 7.76
CA ILE A 358 -0.32 16.57 8.86
C ILE A 358 -1.49 17.55 9.05
N GLU A 359 -1.94 18.19 7.97
CA GLU A 359 -3.06 19.16 7.96
C GLU A 359 -4.30 18.53 8.61
N GLU A 360 -4.69 17.33 8.18
CA GLU A 360 -5.98 16.68 8.57
C GLU A 360 -5.90 16.19 10.01
N VAL A 361 -4.75 15.66 10.45
CA VAL A 361 -4.59 15.03 11.79
C VAL A 361 -4.26 16.10 12.84
N LYS A 362 -3.28 16.98 12.56
CA LYS A 362 -2.76 17.98 13.53
C LYS A 362 -3.56 19.28 13.44
N GLY A 363 -4.36 19.46 12.38
CA GLY A 363 -5.15 20.68 12.12
C GLY A 363 -4.26 21.87 11.78
N LYS A 364 -3.02 21.60 11.36
CA LYS A 364 -1.99 22.65 11.07
C LYS A 364 -1.77 22.74 9.55
N LYS A 365 -2.16 23.86 8.96
CA LYS A 365 -1.91 24.19 7.53
C LYS A 365 -0.41 24.06 7.24
N MET A 366 -0.05 23.21 6.29
CA MET A 366 1.33 23.02 5.79
C MET A 366 1.42 23.66 4.41
N THR A 367 1.87 24.91 4.35
CA THR A 367 2.07 25.66 3.08
C THR A 367 3.23 25.02 2.33
N ILE A 368 3.00 24.66 1.06
CA ILE A 368 4.01 24.01 0.18
C ILE A 368 4.21 24.86 -1.08
N SER A 369 5.43 25.35 -1.28
CA SER A 369 5.84 26.17 -2.45
C SER A 369 5.61 25.38 -3.74
N PRO A 370 4.98 25.99 -4.78
CA PRO A 370 4.84 25.33 -6.08
C PRO A 370 6.19 24.95 -6.70
N GLU A 371 7.25 25.72 -6.41
CA GLU A 371 8.64 25.45 -6.88
C GLU A 371 9.29 24.44 -5.93
N ILE A 372 9.90 23.39 -6.50
CA ILE A 372 10.69 22.37 -5.75
C ILE A 372 11.83 23.08 -5.04
N PRO A 373 11.96 22.96 -3.69
CA PRO A 373 13.06 23.61 -2.97
C PRO A 373 14.42 23.00 -3.37
N GLU A 374 15.49 23.78 -3.24
CA GLU A 374 16.89 23.33 -3.42
C GLU A 374 17.16 22.19 -2.43
N HIS A 375 17.64 21.05 -2.92
CA HIS A 375 18.07 19.87 -2.11
C HIS A 375 18.93 18.96 -2.98
N SER A 376 19.38 17.83 -2.42
CA SER A 376 20.28 16.83 -3.05
C SER A 376 19.80 16.46 -4.47
N TYR A 377 18.51 16.14 -4.62
CA TYR A 377 17.91 15.55 -5.85
C TYR A 377 17.12 16.58 -6.66
N PHE A 378 17.45 17.88 -6.53
CA PHE A 378 16.73 19.00 -7.17
C PHE A 378 16.66 18.80 -8.70
N SER A 379 17.78 18.43 -9.33
CA SER A 379 17.93 18.27 -10.81
C SER A 379 17.01 17.15 -11.33
N ARG A 380 16.63 16.19 -10.48
CA ARG A 380 15.78 15.04 -10.87
C ARG A 380 14.36 15.51 -11.21
N TYR A 381 13.96 16.71 -10.80
CA TYR A 381 12.60 17.27 -10.97
C TYR A 381 12.55 18.25 -12.16
N GLY A 382 13.60 18.26 -12.99
CA GLY A 382 13.67 19.10 -14.21
C GLY A 382 12.72 18.61 -15.29
N PRO A 383 12.45 19.40 -16.36
CA PRO A 383 13.02 20.74 -16.50
C PRO A 383 12.18 21.89 -15.92
N ASP A 384 10.98 21.59 -15.39
CA ASP A 384 10.01 22.59 -14.87
C ASP A 384 10.29 22.90 -13.40
N PHE A 385 10.68 21.88 -12.61
CA PHE A 385 11.01 21.98 -11.16
C PHE A 385 9.80 22.48 -10.37
N GLU A 386 8.59 22.08 -10.80
CA GLU A 386 7.32 22.40 -10.11
C GLU A 386 6.83 21.13 -9.39
N LEU A 387 6.05 21.30 -8.31
CA LEU A 387 5.54 20.18 -7.47
C LEU A 387 4.38 19.48 -8.19
N ASP A 388 3.49 20.25 -8.83
CA ASP A 388 2.40 19.70 -9.68
C ASP A 388 3.04 18.89 -10.81
N ILE A 389 2.54 17.68 -11.08
CA ILE A 389 2.99 16.82 -12.21
C ILE A 389 2.55 17.49 -13.52
N ASP A 390 3.36 17.34 -14.57
CA ASP A 390 3.14 17.98 -15.88
C ASP A 390 2.07 17.19 -16.64
N TYR A 391 0.80 17.51 -16.39
CA TYR A 391 -0.38 16.87 -17.04
C TYR A 391 -1.61 17.78 -16.90
N PHE A 392 -2.45 17.82 -17.94
CA PHE A 392 -3.70 18.64 -18.02
C PHE A 392 -4.89 17.71 -18.19
N PRO A 393 -5.58 17.32 -17.09
CA PRO A 393 -6.71 16.38 -17.16
C PRO A 393 -7.84 16.84 -18.09
N HIS A 394 -8.53 15.86 -18.69
CA HIS A 394 -9.73 16.04 -19.56
C HIS A 394 -10.64 14.82 -19.41
N SER A 403 -21.24 1.59 -16.37
CA SER A 403 -20.19 0.58 -16.06
C SER A 403 -19.80 0.66 -14.58
N ILE A 404 -19.44 1.85 -14.10
CA ILE A 404 -19.17 2.14 -12.67
C ILE A 404 -20.47 1.97 -11.87
N GLN A 405 -21.61 2.41 -12.41
CA GLN A 405 -22.94 2.31 -11.74
C GLN A 405 -23.26 0.83 -11.45
N LYS A 406 -22.99 -0.07 -12.40
CA LYS A 406 -23.26 -1.54 -12.24
C LYS A 406 -22.36 -2.11 -11.13
N HIS A 407 -21.08 -1.73 -11.09
CA HIS A 407 -20.14 -2.12 -10.01
C HIS A 407 -20.66 -1.59 -8.66
N HIS A 408 -21.15 -0.34 -8.63
CA HIS A 408 -21.69 0.31 -7.40
C HIS A 408 -22.87 -0.49 -6.86
N ARG A 409 -23.78 -0.94 -7.73
CA ARG A 409 -24.98 -1.75 -7.34
C ARG A 409 -24.51 -3.11 -6.78
N ARG A 410 -23.55 -3.75 -7.47
CA ARG A 410 -22.98 -5.07 -7.11
C ARG A 410 -22.31 -4.95 -5.73
N ILE A 411 -21.55 -3.88 -5.50
CA ILE A 411 -20.77 -3.64 -4.25
C ILE A 411 -21.76 -3.32 -3.12
N LEU A 412 -22.85 -2.62 -3.41
CA LEU A 412 -23.95 -2.32 -2.45
C LEU A 412 -24.61 -3.62 -1.99
N GLU A 413 -24.85 -4.55 -2.93
CA GLU A 413 -25.43 -5.88 -2.63
C GLU A 413 -24.43 -6.70 -1.80
N GLN A 414 -23.16 -6.72 -2.20
CA GLN A 414 -22.08 -7.47 -1.49
C GLN A 414 -21.97 -6.95 -0.05
N LEU A 415 -22.03 -5.63 0.14
CA LEU A 415 -21.89 -4.98 1.48
C LEU A 415 -23.11 -5.33 2.35
N ARG A 416 -24.30 -5.38 1.76
CA ARG A 416 -25.53 -5.81 2.45
C ARG A 416 -25.35 -7.27 2.89
N ASN A 417 -24.89 -8.13 1.98
CA ASN A 417 -24.67 -9.58 2.22
C ASN A 417 -23.63 -9.76 3.34
N TYR A 418 -22.54 -8.99 3.31
CA TYR A 418 -21.46 -9.02 4.33
C TYR A 418 -22.08 -8.71 5.70
N ALA A 419 -22.84 -7.61 5.79
CA ALA A 419 -23.49 -7.12 7.03
C ALA A 419 -24.45 -8.19 7.56
N ASP A 420 -25.25 -8.81 6.69
CA ASP A 420 -26.25 -9.84 7.05
C ASP A 420 -25.53 -11.08 7.62
N LEU A 421 -24.41 -11.49 7.01
CA LEU A 421 -23.63 -12.69 7.42
C LEU A 421 -23.01 -12.44 8.81
N ASN A 422 -22.48 -11.25 9.05
CA ASN A 422 -21.74 -10.89 10.29
C ASN A 422 -22.67 -10.20 11.30
N LYS A 423 -23.96 -10.07 10.97
CA LYS A 423 -25.00 -9.48 11.85
C LYS A 423 -24.54 -8.07 12.30
N LEU A 424 -24.23 -7.21 11.32
CA LEU A 424 -23.89 -5.78 11.55
C LEU A 424 -25.14 -4.93 11.26
N ILE A 425 -25.53 -4.09 12.21
CA ILE A 425 -26.71 -3.18 12.11
C ILE A 425 -26.23 -1.83 11.56
N TYR A 426 -26.89 -1.34 10.51
CA TYR A 426 -26.57 -0.04 9.85
C TYR A 426 -27.82 0.48 9.13
N ASP A 427 -27.84 1.79 8.90
CA ASP A 427 -28.93 2.51 8.18
C ASP A 427 -28.80 2.22 6.68
N TYR A 428 -29.64 1.34 6.15
CA TYR A 428 -29.66 0.90 4.73
C TYR A 428 -29.93 2.10 3.82
N ASP A 429 -30.79 3.03 4.27
CA ASP A 429 -31.11 4.29 3.55
C ASP A 429 -29.84 5.15 3.46
N GLN A 430 -29.16 5.38 4.60
CA GLN A 430 -27.94 6.23 4.69
C GLN A 430 -26.90 5.73 3.69
N VAL A 431 -26.66 4.41 3.65
CA VAL A 431 -25.63 3.76 2.78
C VAL A 431 -26.07 3.88 1.32
N TYR A 432 -27.35 3.61 1.03
CA TYR A 432 -27.96 3.67 -0.32
C TYR A 432 -27.76 5.08 -0.91
N GLN A 433 -28.07 6.12 -0.13
CA GLN A 433 -28.04 7.55 -0.57
C GLN A 433 -26.62 7.97 -0.95
N LEU A 434 -25.58 7.38 -0.34
CA LEU A 434 -24.16 7.69 -0.63
C LEU A 434 -23.85 7.48 -2.12
N TYR A 435 -24.45 6.45 -2.75
CA TYR A 435 -24.27 6.10 -4.18
C TYR A 435 -25.34 6.82 -5.01
ZN ZN B . 1.21 -1.33 -9.02
K K C . -5.25 -1.54 -6.12
K K D . -11.41 -10.63 4.07
C1 4UI E . 10.23 -5.14 -13.00
C2 4UI E . 10.25 -6.21 -12.15
N1 4UI E . 6.69 -4.75 -13.67
C3 4UI E . 9.09 -6.87 -11.73
C4 4UI E . 7.86 -6.45 -12.20
C5 4UI E . 7.81 -5.37 -13.07
C6 4UI E . 9.00 -4.69 -13.49
C7 4UI E . 7.19 -3.72 -14.43
C8 4UI E . 8.56 -3.67 -14.35
C9 4UI E . 6.54 -2.72 -15.31
C10 4UI E . 7.58 -1.56 -15.37
C11 4UI E . 7.39 -0.70 -16.60
C12 4UI E . 6.13 -0.42 -17.08
C13 4UI E . 5.95 0.35 -18.22
C14 4UI E . 7.04 0.87 -18.88
C15 4UI E . 8.31 0.62 -18.40
C16 4UI E . 8.48 -0.16 -17.27
N2 4UI E . 2.31 -3.64 -8.29
C17 4UI E . 5.29 -5.14 -13.53
C18 4UI E . 4.85 -5.02 -12.12
C19 4UI E . 3.76 -4.08 -10.15
C20 4UI E . 3.72 -5.46 -10.16
C21 4UI E . 4.43 -5.99 -11.25
C22 4UI E . 3.06 -3.13 -9.25
O1 4UI E . 3.19 -1.91 -9.41
S1 4UI E . 9.22 -2.36 -15.31
F1 4UI E . 11.45 -6.65 -11.67
S2 4UI E . 4.80 -3.46 -11.39
O2 4UI E . 1.43 -2.85 -7.57
#